data_5E8M
#
_entry.id   5E8M
#
_cell.length_a   46.765
_cell.length_b   70.972
_cell.length_c   78.948
_cell.angle_alpha   90.00
_cell.angle_beta   94.17
_cell.angle_gamma   90.00
#
_symmetry.space_group_name_H-M   'P 1 21 1'
#
loop_
_entity.id
_entity.type
_entity.pdbx_description
1 polymer Heparanase
2 polymer Heparanase
3 branched alpha-L-fucopyranose-(1-6)-2-acetamido-2-deoxy-beta-D-glucopyranose
4 non-polymer 2-acetamido-2-deoxy-beta-D-glucopyranose
5 non-polymer 1,2-ETHANEDIOL
6 non-polymer 'CHLORIDE ION'
7 water water
#
loop_
_entity_poly.entity_id
_entity_poly.type
_entity_poly.pdbx_seq_one_letter_code
_entity_poly.pdbx_strand_id
1 'polypeptide(L)'
;DPGKKFKNSTYSRSSVDVLYTFANCSGLDLIFGLNALLRTADLQWNSSNAQLLLDYCSSKGYNISWELGNEPNSFLKKAD
IFINGSQLGEDFIQLHKLLRKSTFKNAKLYGPDVGQPRRKTAKMLKSFLKAGGEVIDSVTWHHYYLNGRTATREDFLNPD
VLDIFISSVQKVFQVVESTRPGKKVWLGETSSAYGGGAPLLSDTFAAGFMWLDKLGLSARMGIEVVMRQVFFGAGNYHLV
DENFDPLPDYWLSLLFKKLVGTKVLMASVQGSKRRKLRVYLHCTNTDNPRYKEGDLTLYAINLHNVTKYLRLPYPFSNKQ
VDKYLLRPLGPHGLLSKSVQLNGLTLKMVDDQTLPPLMEKPLRPGSSLGLPAFSYSFFVIRNAKVAACI
;
A
2 'polypeptide(L)' DPGQDVVDLDFFTQEPLHLVSPSFLSVTIDANLATDPRFLILLGSPKLRTLARGLSPAYLRFGGTKTDFLIFDPKKE B
#
# COMPACT_ATOMS: atom_id res chain seq x y z
N LYS A 5 3.23 21.60 -18.31
CA LYS A 5 3.53 21.72 -16.86
C LYS A 5 4.61 20.72 -16.40
N PHE A 6 4.58 19.49 -16.93
CA PHE A 6 5.67 18.51 -16.73
C PHE A 6 6.67 18.50 -17.90
N LYS A 7 7.95 18.60 -17.56
CA LYS A 7 9.03 18.62 -18.55
C LYS A 7 9.79 17.33 -18.39
N ASN A 8 10.50 16.96 -19.45
CA ASN A 8 11.40 15.84 -19.43
C ASN A 8 12.62 16.18 -18.57
N SER A 9 13.11 15.18 -17.84
CA SER A 9 14.38 15.24 -17.12
C SER A 9 15.12 13.95 -17.40
N THR A 10 16.44 14.00 -17.29
CA THR A 10 17.27 12.84 -17.44
C THR A 10 17.65 12.36 -16.06
N TYR A 11 18.00 11.09 -15.96
CA TYR A 11 18.59 10.50 -14.76
C TYR A 11 19.76 9.64 -15.17
N SER A 12 20.64 9.40 -14.21
CA SER A 12 21.94 8.77 -14.46
C SER A 12 22.03 7.34 -13.95
N ARG A 13 23.08 6.63 -14.38
CA ARG A 13 23.44 5.33 -13.79
C ARG A 13 23.53 5.44 -12.25
N SER A 14 24.10 6.54 -11.78
CA SER A 14 24.27 6.82 -10.38
C SER A 14 22.93 6.80 -9.61
N SER A 15 21.93 7.50 -10.15
CA SER A 15 20.55 7.53 -9.61
C SER A 15 19.96 6.14 -9.54
N VAL A 16 20.16 5.37 -10.60
CA VAL A 16 19.70 3.98 -10.63
C VAL A 16 20.37 3.20 -9.53
N ASP A 17 21.71 3.33 -9.38
CA ASP A 17 22.41 2.61 -8.33
C ASP A 17 21.94 3.01 -6.93
N VAL A 18 21.67 4.29 -6.73
CA VAL A 18 21.17 4.81 -5.44
C VAL A 18 19.85 4.11 -5.07
N LEU A 19 18.94 4.13 -6.02
CA LEU A 19 17.61 3.51 -5.84
C LEU A 19 17.69 2.02 -5.59
N TYR A 20 18.47 1.30 -6.41
CA TYR A 20 18.64 -0.13 -6.26
C TYR A 20 19.27 -0.48 -4.91
N THR A 21 20.30 0.24 -4.53
CA THR A 21 20.98 -0.05 -3.27
C THR A 21 20.11 0.19 -2.04
N PHE A 22 19.35 1.28 -2.10
CA PHE A 22 18.34 1.55 -1.10
C PHE A 22 17.39 0.37 -0.94
N ALA A 23 16.82 -0.11 -2.06
CA ALA A 23 15.90 -1.22 -1.99
C ALA A 23 16.59 -2.49 -1.46
N ASN A 24 17.69 -2.86 -2.12
CA ASN A 24 18.42 -4.09 -1.78
C ASN A 24 18.83 -4.11 -0.31
N CYS A 25 19.44 -3.02 0.16
CA CYS A 25 19.88 -2.96 1.56
C CYS A 25 18.75 -2.87 2.59
N SER A 26 17.56 -2.46 2.17
CA SER A 26 16.39 -2.43 3.05
C SER A 26 15.52 -3.71 2.99
N GLY A 27 15.90 -4.72 2.21
CA GLY A 27 15.17 -5.95 2.00
C GLY A 27 13.86 -5.77 1.18
N LEU A 28 13.83 -4.77 0.30
CA LEU A 28 12.65 -4.44 -0.51
C LEU A 28 12.85 -4.90 -1.94
N ASP A 29 11.75 -5.23 -2.62
CA ASP A 29 11.80 -5.67 -4.02
C ASP A 29 11.42 -4.52 -4.95
N LEU A 30 12.35 -4.05 -5.77
CA LEU A 30 12.17 -2.86 -6.58
C LEU A 30 11.34 -3.14 -7.82
N ILE A 31 10.35 -2.26 -8.00
CA ILE A 31 9.53 -2.21 -9.23
C ILE A 31 9.79 -0.84 -9.86
N PHE A 32 10.30 -0.82 -11.11
CA PHE A 32 10.70 0.42 -11.79
C PHE A 32 9.74 0.74 -12.94
N GLY A 33 9.12 1.92 -12.90
CA GLY A 33 8.19 2.37 -13.92
C GLY A 33 8.97 2.97 -15.11
N LEU A 34 8.77 2.38 -16.29
CA LEU A 34 9.40 2.90 -17.51
C LEU A 34 8.53 3.98 -18.16
N ASN A 35 9.17 4.85 -18.94
CA ASN A 35 8.51 5.99 -19.61
C ASN A 35 7.74 5.55 -20.85
N ALA A 36 6.42 5.64 -20.81
CA ALA A 36 5.54 5.19 -21.89
C ALA A 36 5.26 6.28 -22.94
N LEU A 37 5.68 7.51 -22.71
CA LEU A 37 5.43 8.59 -23.64
C LEU A 37 6.51 8.77 -24.67
N LEU A 38 7.51 7.88 -24.74
CA LEU A 38 8.48 7.85 -25.82
C LEU A 38 7.81 7.07 -26.94
N ARG A 39 7.49 7.78 -28.04
CA ARG A 39 6.60 7.28 -29.08
C ARG A 39 7.25 7.39 -30.48
N THR A 40 7.04 6.39 -31.33
CA THR A 40 7.47 6.47 -32.73
C THR A 40 6.48 7.35 -33.51
N ALA A 41 6.80 7.67 -34.76
CA ALA A 41 5.94 8.45 -35.65
C ALA A 41 4.52 7.88 -35.72
N ASP A 42 4.40 6.56 -35.94
CA ASP A 42 3.08 5.90 -35.91
C ASP A 42 2.47 5.65 -34.49
N LEU A 43 2.97 6.34 -33.46
CA LEU A 43 2.45 6.24 -32.09
C LEU A 43 2.60 4.85 -31.41
N GLN A 44 3.59 4.06 -31.86
CA GLN A 44 4.01 2.87 -31.14
C GLN A 44 4.93 3.35 -30.03
N TRP A 45 5.03 2.55 -28.97
CA TRP A 45 6.02 2.84 -27.95
C TRP A 45 7.40 2.68 -28.57
N ASN A 46 8.24 3.68 -28.38
CA ASN A 46 9.66 3.55 -28.72
C ASN A 46 10.47 3.01 -27.55
N SER A 47 10.93 1.78 -27.70
CA SER A 47 11.56 1.04 -26.62
C SER A 47 13.04 1.23 -26.46
N SER A 48 13.63 2.15 -27.23
CA SER A 48 15.08 2.21 -27.34
C SER A 48 15.73 2.77 -26.04
N ASN A 49 15.10 3.73 -25.37
CA ASN A 49 15.63 4.22 -24.09
C ASN A 49 15.50 3.13 -23.00
N ALA A 50 14.33 2.48 -22.92
CA ALA A 50 14.19 1.31 -22.02
C ALA A 50 15.27 0.28 -22.30
N GLN A 51 15.58 0.05 -23.58
CA GLN A 51 16.59 -0.94 -23.90
C GLN A 51 17.91 -0.60 -23.23
N LEU A 52 18.25 0.68 -23.24
CA LEU A 52 19.51 1.12 -22.61
C LEU A 52 19.49 0.84 -21.11
N LEU A 53 18.38 1.16 -20.47
CA LEU A 53 18.28 0.91 -19.02
C LEU A 53 18.40 -0.55 -18.72
N LEU A 54 17.67 -1.39 -19.47
CA LEU A 54 17.71 -2.84 -19.24
C LEU A 54 19.11 -3.44 -19.32
N ASP A 55 19.85 -3.04 -20.35
CA ASP A 55 21.22 -3.50 -20.56
C ASP A 55 22.07 -3.05 -19.42
N TYR A 56 21.91 -1.79 -18.98
CA TYR A 56 22.67 -1.33 -17.83
C TYR A 56 22.36 -2.17 -16.57
N CYS A 57 21.08 -2.36 -16.25
CA CYS A 57 20.70 -3.12 -15.06
C CYS A 57 21.17 -4.60 -15.16
N SER A 58 21.00 -5.18 -16.34
CA SER A 58 21.49 -6.54 -16.63
C SER A 58 22.96 -6.64 -16.35
N SER A 59 23.72 -5.63 -16.79
CA SER A 59 25.20 -5.56 -16.58
C SER A 59 25.62 -5.42 -15.12
N LYS A 60 24.74 -4.91 -14.26
CA LYS A 60 25.05 -4.85 -12.82
C LYS A 60 24.50 -6.01 -12.01
N GLY A 61 23.78 -6.94 -12.65
CA GLY A 61 23.13 -8.03 -11.95
C GLY A 61 21.93 -7.63 -11.06
N TYR A 62 21.28 -6.53 -11.40
CA TYR A 62 20.13 -6.01 -10.62
C TYR A 62 18.86 -6.84 -10.82
N ASN A 63 18.24 -7.26 -9.71
CA ASN A 63 17.00 -8.05 -9.76
C ASN A 63 15.82 -7.08 -9.64
N ILE A 64 15.18 -6.73 -10.77
CA ILE A 64 14.18 -5.61 -10.80
C ILE A 64 12.95 -6.08 -11.57
N SER A 65 11.77 -5.65 -11.09
CA SER A 65 10.52 -5.80 -11.83
C SER A 65 10.12 -4.49 -12.45
N TRP A 66 9.21 -4.55 -13.43
CA TRP A 66 8.92 -3.46 -14.33
C TRP A 66 7.47 -3.10 -14.45
N GLU A 67 7.25 -1.81 -14.70
CA GLU A 67 5.98 -1.25 -15.13
C GLU A 67 6.25 -0.36 -16.36
N LEU A 68 5.19 -0.03 -17.09
CA LEU A 68 5.33 0.84 -18.23
C LEU A 68 4.17 1.83 -18.23
N GLY A 69 4.53 3.08 -17.96
CA GLY A 69 3.62 4.19 -17.83
C GLY A 69 2.96 4.28 -16.46
N ASN A 70 2.42 5.47 -16.19
CA ASN A 70 1.72 5.80 -14.98
C ASN A 70 0.45 6.60 -15.33
N GLU A 71 -0.73 6.15 -14.84
CA GLU A 71 -1.99 6.88 -15.09
C GLU A 71 -2.11 7.26 -16.60
N PRO A 72 -2.10 6.26 -17.46
CA PRO A 72 -2.15 6.51 -18.89
C PRO A 72 -3.52 7.15 -19.29
N ASN A 73 -4.55 7.01 -18.46
CA ASN A 73 -5.82 7.72 -18.65
C ASN A 73 -5.68 9.25 -18.69
N SER A 74 -4.58 9.80 -18.15
CA SER A 74 -4.31 11.22 -18.07
C SER A 74 -3.29 11.73 -19.08
N PHE A 75 -2.78 10.87 -19.96
CA PHE A 75 -1.72 11.30 -20.91
C PHE A 75 -2.15 12.52 -21.76
N LEU A 76 -3.40 12.51 -22.22
CA LEU A 76 -3.95 13.65 -22.93
C LEU A 76 -3.82 14.95 -22.11
N LYS A 77 -4.39 14.99 -20.90
CA LYS A 77 -4.21 16.15 -20.00
C LYS A 77 -2.73 16.53 -19.79
N LYS A 78 -1.89 15.54 -19.48
CA LYS A 78 -0.52 15.78 -19.01
C LYS A 78 0.45 16.10 -20.13
N ALA A 79 0.25 15.51 -21.31
CA ALA A 79 1.22 15.60 -22.41
C ALA A 79 0.58 15.77 -23.78
N ASP A 80 -0.73 15.99 -23.87
CA ASP A 80 -1.40 16.15 -25.17
C ASP A 80 -1.22 15.00 -26.15
N ILE A 81 -1.08 13.79 -25.61
CA ILE A 81 -0.91 12.61 -26.39
C ILE A 81 -1.97 11.62 -25.87
N PHE A 82 -2.71 11.00 -26.77
CA PHE A 82 -3.71 10.03 -26.39
C PHE A 82 -3.29 8.62 -26.83
N ILE A 83 -3.19 7.70 -25.87
CA ILE A 83 -2.82 6.31 -26.15
C ILE A 83 -4.00 5.50 -25.69
N ASN A 84 -4.67 4.79 -26.60
CA ASN A 84 -5.78 3.95 -26.18
C ASN A 84 -5.31 2.63 -25.55
N GLY A 85 -6.21 1.97 -24.85
CA GLY A 85 -5.88 0.72 -24.17
C GLY A 85 -5.30 -0.39 -25.00
N SER A 86 -5.86 -0.59 -26.19
CA SER A 86 -5.32 -1.55 -27.18
C SER A 86 -3.86 -1.35 -27.48
N GLN A 87 -3.51 -0.13 -27.81
CA GLN A 87 -2.14 0.23 -28.15
C GLN A 87 -1.21 0.05 -26.93
N LEU A 88 -1.67 0.51 -25.78
CA LEU A 88 -0.88 0.35 -24.53
C LEU A 88 -0.63 -1.13 -24.30
N GLY A 89 -1.64 -1.98 -24.58
CA GLY A 89 -1.48 -3.42 -24.51
C GLY A 89 -0.39 -3.97 -25.41
N GLU A 90 -0.41 -3.48 -26.65
CA GLU A 90 0.64 -3.85 -27.61
C GLU A 90 2.03 -3.40 -27.15
N ASP A 91 2.11 -2.19 -26.62
CA ASP A 91 3.34 -1.69 -26.02
C ASP A 91 3.87 -2.61 -24.89
N PHE A 92 2.99 -3.08 -23.99
CA PHE A 92 3.37 -4.07 -22.94
C PHE A 92 3.85 -5.38 -23.53
N ILE A 93 3.21 -5.84 -24.61
CA ILE A 93 3.72 -7.05 -25.28
C ILE A 93 5.17 -6.82 -25.78
N GLN A 94 5.44 -5.65 -26.30
CA GLN A 94 6.80 -5.35 -26.78
C GLN A 94 7.81 -5.31 -25.64
N LEU A 95 7.37 -4.78 -24.49
CA LEU A 95 8.26 -4.74 -23.31
C LEU A 95 8.52 -6.18 -22.87
N HIS A 96 7.49 -6.99 -22.86
CA HIS A 96 7.60 -8.38 -22.42
C HIS A 96 8.60 -9.14 -23.33
N LYS A 97 8.62 -8.82 -24.63
CA LYS A 97 9.61 -9.47 -25.53
C LYS A 97 11.05 -9.04 -25.20
N LEU A 98 11.27 -7.76 -24.87
CA LEU A 98 12.58 -7.28 -24.45
C LEU A 98 13.02 -7.91 -23.17
N LEU A 99 12.09 -8.07 -22.22
CA LEU A 99 12.45 -8.70 -20.97
C LEU A 99 12.85 -10.16 -21.16
N ARG A 100 12.11 -10.86 -21.98
CA ARG A 100 12.38 -12.28 -22.24
C ARG A 100 13.75 -12.52 -22.91
N LYS A 101 14.25 -11.54 -23.65
CA LYS A 101 15.59 -11.59 -24.27
C LYS A 101 16.68 -10.98 -23.46
N SER A 102 16.43 -10.72 -22.17
CA SER A 102 17.41 -10.08 -21.30
C SER A 102 17.96 -11.14 -20.31
N THR A 103 18.97 -10.75 -19.55
CA THR A 103 19.58 -11.63 -18.55
C THR A 103 18.61 -12.12 -17.46
N PHE A 104 17.61 -11.29 -17.12
CA PHE A 104 16.47 -11.74 -16.30
C PHE A 104 15.18 -11.87 -17.19
N LYS A 105 15.18 -12.97 -17.94
CA LYS A 105 14.06 -13.39 -18.77
C LYS A 105 12.82 -13.74 -17.99
N ASN A 106 12.93 -13.93 -16.68
CA ASN A 106 11.75 -14.22 -15.88
C ASN A 106 11.36 -13.04 -15.01
N ALA A 107 11.84 -11.84 -15.32
CA ALA A 107 11.47 -10.66 -14.54
C ALA A 107 9.94 -10.43 -14.67
N LYS A 108 9.33 -9.90 -13.61
CA LYS A 108 7.90 -9.64 -13.61
C LYS A 108 7.57 -8.26 -14.22
N LEU A 109 6.36 -8.19 -14.76
CA LEU A 109 5.82 -7.05 -15.46
C LEU A 109 4.39 -6.73 -14.97
N TYR A 110 4.17 -5.52 -14.48
CA TYR A 110 2.87 -5.12 -13.94
C TYR A 110 2.34 -3.88 -14.66
N GLY A 111 1.02 -3.75 -14.73
CA GLY A 111 0.44 -2.57 -15.31
C GLY A 111 -1.06 -2.70 -15.35
N PRO A 112 -1.78 -1.68 -15.87
CA PRO A 112 -1.24 -0.48 -16.51
C PRO A 112 -1.19 0.77 -15.64
N ASP A 113 -1.35 0.61 -14.33
CA ASP A 113 -1.28 1.70 -13.41
C ASP A 113 -2.30 2.80 -13.76
N VAL A 114 -3.51 2.37 -14.10
CA VAL A 114 -4.62 3.34 -14.30
C VAL A 114 -5.15 3.93 -13.01
N GLY A 115 -5.75 5.12 -13.12
CA GLY A 115 -6.52 5.67 -12.04
C GLY A 115 -7.76 4.91 -11.72
N GLN A 116 -8.44 5.38 -10.73
CA GLN A 116 -9.58 4.65 -10.22
C GLN A 116 -10.72 4.67 -11.26
N PRO A 117 -11.65 3.72 -11.18
CA PRO A 117 -12.42 3.38 -12.39
C PRO A 117 -13.69 4.23 -12.66
N ARG A 118 -13.46 5.42 -13.18
CA ARG A 118 -14.44 6.21 -13.89
C ARG A 118 -14.69 5.58 -15.28
N ARG A 119 -15.72 6.07 -15.99
CA ARG A 119 -16.15 5.43 -17.26
C ARG A 119 -15.01 5.33 -18.26
N LYS A 120 -14.34 6.43 -18.51
CA LYS A 120 -13.26 6.43 -19.50
C LYS A 120 -12.05 5.54 -19.04
N THR A 121 -11.77 5.54 -17.74
CA THR A 121 -10.67 4.70 -17.21
C THR A 121 -10.99 3.22 -17.30
N ALA A 122 -12.24 2.86 -17.01
CA ALA A 122 -12.66 1.45 -17.08
C ALA A 122 -12.59 0.90 -18.53
N LYS A 123 -12.94 1.76 -19.51
CA LYS A 123 -12.80 1.41 -20.91
C LYS A 123 -11.34 1.20 -21.35
N MET A 124 -10.46 2.08 -20.91
CA MET A 124 -9.02 1.93 -21.14
C MET A 124 -8.49 0.66 -20.47
N LEU A 125 -8.88 0.40 -19.23
CA LEU A 125 -8.44 -0.84 -18.58
C LEU A 125 -8.91 -2.12 -19.30
N LYS A 126 -10.19 -2.14 -19.66
CA LYS A 126 -10.78 -3.31 -20.35
C LYS A 126 -10.07 -3.59 -21.68
N SER A 127 -9.82 -2.55 -22.46
CA SER A 127 -9.14 -2.70 -23.78
C SER A 127 -7.68 -3.10 -23.62
N PHE A 128 -7.03 -2.54 -22.59
CA PHE A 128 -5.69 -2.93 -22.24
C PHE A 128 -5.60 -4.38 -21.90
N LEU A 129 -6.49 -4.86 -21.03
CA LEU A 129 -6.38 -6.24 -20.59
C LEU A 129 -6.72 -7.23 -21.74
N LYS A 130 -7.66 -6.85 -22.60
CA LYS A 130 -7.91 -7.70 -23.79
C LYS A 130 -6.66 -7.80 -24.68
N ALA A 131 -6.00 -6.68 -24.92
CA ALA A 131 -4.83 -6.62 -25.80
C ALA A 131 -3.56 -7.18 -25.15
N GLY A 132 -3.23 -6.71 -23.95
CA GLY A 132 -1.93 -6.96 -23.30
C GLY A 132 -1.97 -7.76 -22.06
N GLY A 133 -3.16 -8.16 -21.61
CA GLY A 133 -3.31 -8.86 -20.34
C GLY A 133 -2.58 -10.18 -20.23
N GLU A 134 -2.23 -10.80 -21.36
CA GLU A 134 -1.53 -12.07 -21.23
C GLU A 134 -0.12 -11.91 -20.67
N VAL A 135 0.50 -10.76 -20.87
CA VAL A 135 1.89 -10.63 -20.47
C VAL A 135 2.08 -9.94 -19.12
N ILE A 136 1.01 -9.53 -18.45
CA ILE A 136 1.22 -8.91 -17.11
C ILE A 136 1.05 -9.93 -16.02
N ASP A 137 1.86 -9.83 -14.98
CA ASP A 137 1.77 -10.73 -13.84
C ASP A 137 0.73 -10.31 -12.81
N SER A 138 0.44 -9.01 -12.75
CA SER A 138 -0.69 -8.48 -11.96
C SER A 138 -1.21 -7.21 -12.58
N VAL A 139 -2.47 -6.90 -12.31
CA VAL A 139 -3.11 -5.69 -12.78
C VAL A 139 -2.99 -4.62 -11.70
N THR A 140 -2.40 -3.48 -12.03
CA THR A 140 -2.25 -2.36 -11.11
C THR A 140 -3.20 -1.19 -11.39
N TRP A 141 -3.79 -0.65 -10.33
CA TRP A 141 -4.58 0.54 -10.43
C TRP A 141 -4.33 1.36 -9.18
N HIS A 142 -4.81 2.61 -9.21
CA HIS A 142 -4.48 3.61 -8.22
C HIS A 142 -5.77 4.11 -7.58
N HIS A 143 -5.69 4.49 -6.33
CA HIS A 143 -6.86 5.02 -5.62
C HIS A 143 -6.46 6.10 -4.62
N TYR A 144 -7.25 7.18 -4.61
CA TYR A 144 -7.20 8.16 -3.48
C TYR A 144 -8.61 8.51 -3.13
N TYR A 145 -8.87 8.79 -1.85
CA TYR A 145 -10.24 9.13 -1.43
C TYR A 145 -10.59 10.57 -1.81
N LEU A 146 -9.59 11.47 -1.73
CA LEU A 146 -9.80 12.95 -1.76
C LEU A 146 -8.75 13.69 -2.57
N ASN A 147 -9.01 14.98 -2.75
CA ASN A 147 -8.06 15.99 -3.25
C ASN A 147 -7.34 16.57 -2.01
N GLY A 148 -6.01 16.57 -2.02
CA GLY A 148 -5.22 17.09 -0.87
C GLY A 148 -5.51 18.55 -0.54
N ARG A 149 -5.74 19.34 -1.59
CA ARG A 149 -6.08 20.78 -1.44
C ARG A 149 -7.40 21.13 -0.71
N THR A 150 -8.41 20.25 -0.74
CA THR A 150 -9.73 20.52 -0.14
C THR A 150 -10.13 19.60 1.00
N ALA A 151 -9.33 18.61 1.31
CA ALA A 151 -9.70 17.66 2.33
C ALA A 151 -9.92 18.35 3.68
N THR A 152 -10.95 17.90 4.40
CA THR A 152 -11.22 18.32 5.76
C THR A 152 -10.98 17.22 6.70
N ARG A 153 -10.85 17.64 7.96
CA ARG A 153 -10.74 16.76 9.05
C ARG A 153 -11.92 15.80 9.14
N GLU A 154 -13.15 16.30 8.91
CA GLU A 154 -14.34 15.42 8.98
C GLU A 154 -14.31 14.36 7.87
N ASP A 155 -13.76 14.70 6.71
CA ASP A 155 -13.62 13.74 5.57
C ASP A 155 -12.81 12.52 5.99
N PHE A 156 -11.73 12.76 6.76
CA PHE A 156 -10.81 11.69 7.14
C PHE A 156 -11.48 10.77 8.11
N LEU A 157 -12.53 11.25 8.81
CA LEU A 157 -13.29 10.47 9.81
C LEU A 157 -14.67 9.99 9.40
N ASN A 158 -15.04 10.19 8.14
CA ASN A 158 -16.42 9.93 7.68
C ASN A 158 -16.57 8.54 7.04
N PRO A 159 -17.35 7.65 7.66
CA PRO A 159 -17.56 6.35 7.03
C PRO A 159 -18.16 6.38 5.64
N ASP A 160 -18.90 7.43 5.24
CA ASP A 160 -19.41 7.53 3.88
C ASP A 160 -18.29 7.81 2.90
N VAL A 161 -17.25 8.49 3.33
CA VAL A 161 -16.05 8.65 2.48
C VAL A 161 -15.31 7.30 2.42
N LEU A 162 -15.11 6.63 3.56
CA LEU A 162 -14.40 5.36 3.58
C LEU A 162 -15.08 4.31 2.69
N ASP A 163 -16.42 4.27 2.74
CA ASP A 163 -17.15 3.29 1.95
C ASP A 163 -17.10 3.42 0.44
N ILE A 164 -16.73 4.58 -0.09
CA ILE A 164 -16.66 4.73 -1.55
C ILE A 164 -15.59 3.83 -2.16
N PHE A 165 -14.58 3.49 -1.37
CA PHE A 165 -13.51 2.59 -1.85
C PHE A 165 -14.08 1.27 -2.30
N ILE A 166 -15.05 0.77 -1.57
CA ILE A 166 -15.72 -0.52 -1.84
C ILE A 166 -16.22 -0.58 -3.30
N SER A 167 -16.95 0.46 -3.74
CA SER A 167 -17.43 0.48 -5.14
C SER A 167 -16.34 0.63 -6.17
N SER A 168 -15.27 1.37 -5.89
CA SER A 168 -14.11 1.34 -6.75
C SER A 168 -13.53 -0.07 -6.90
N VAL A 169 -13.37 -0.80 -5.82
CA VAL A 169 -12.74 -2.15 -5.90
C VAL A 169 -13.70 -3.06 -6.71
N GLN A 170 -14.99 -2.99 -6.41
CA GLN A 170 -16.00 -3.78 -7.22
C GLN A 170 -15.94 -3.51 -8.70
N LYS A 171 -15.80 -2.27 -9.07
CA LYS A 171 -15.72 -1.93 -10.47
C LYS A 171 -14.47 -2.44 -11.18
N VAL A 172 -13.33 -2.38 -10.51
CA VAL A 172 -12.12 -2.94 -11.05
C VAL A 172 -12.28 -4.43 -11.25
N PHE A 173 -12.78 -5.17 -10.23
CA PHE A 173 -12.94 -6.61 -10.42
C PHE A 173 -13.93 -6.93 -11.53
N GLN A 174 -14.94 -6.10 -11.73
CA GLN A 174 -15.88 -6.30 -12.86
C GLN A 174 -15.17 -6.26 -14.20
N VAL A 175 -14.25 -5.33 -14.38
CA VAL A 175 -13.49 -5.27 -15.58
C VAL A 175 -12.56 -6.47 -15.72
N VAL A 176 -11.80 -6.78 -14.66
CA VAL A 176 -10.84 -7.88 -14.72
C VAL A 176 -11.56 -9.24 -14.91
N GLU A 177 -12.67 -9.45 -14.22
N GLU A 177 -12.66 -9.47 -14.22
CA GLU A 177 -13.42 -10.71 -14.36
CA GLU A 177 -13.35 -10.75 -14.37
C GLU A 177 -13.96 -10.93 -15.79
C GLU A 177 -14.01 -10.92 -15.77
N SER A 178 -14.18 -9.85 -16.52
CA SER A 178 -14.72 -9.93 -17.87
C SER A 178 -13.63 -10.07 -18.94
N THR A 179 -12.35 -10.00 -18.56
CA THR A 179 -11.25 -10.04 -19.53
C THR A 179 -10.10 -11.01 -19.19
N ARG A 180 -9.68 -11.06 -17.92
CA ARG A 180 -8.62 -11.96 -17.49
C ARG A 180 -8.93 -12.53 -16.14
N PRO A 181 -9.91 -13.44 -16.08
CA PRO A 181 -10.39 -13.91 -14.79
C PRO A 181 -9.31 -14.58 -14.00
N GLY A 182 -9.23 -14.32 -12.69
CA GLY A 182 -8.15 -14.91 -11.90
C GLY A 182 -6.83 -14.16 -11.84
N LYS A 183 -6.61 -13.19 -12.73
CA LYS A 183 -5.40 -12.41 -12.70
C LYS A 183 -5.38 -11.63 -11.40
N LYS A 184 -4.21 -11.57 -10.77
CA LYS A 184 -4.09 -10.89 -9.47
C LYS A 184 -4.25 -9.40 -9.66
N VAL A 185 -4.87 -8.75 -8.68
CA VAL A 185 -5.14 -7.33 -8.74
C VAL A 185 -4.40 -6.66 -7.57
N TRP A 186 -3.60 -5.67 -7.90
CA TRP A 186 -2.80 -4.87 -6.96
C TRP A 186 -3.22 -3.39 -6.98
N LEU A 187 -3.25 -2.77 -5.79
CA LEU A 187 -3.23 -1.31 -5.72
C LEU A 187 -1.80 -0.83 -5.88
N GLY A 188 -1.49 -0.25 -7.06
CA GLY A 188 -0.13 0.10 -7.40
C GLY A 188 0.34 1.42 -6.90
N GLU A 189 -0.59 2.23 -6.44
CA GLU A 189 -0.27 3.55 -5.87
C GLU A 189 -1.50 4.08 -5.16
N THR A 190 -1.44 4.31 -3.83
CA THR A 190 -2.66 4.65 -3.14
C THR A 190 -2.40 5.40 -1.87
N SER A 191 -3.31 6.30 -1.53
CA SER A 191 -3.25 7.00 -0.27
C SER A 191 -4.55 7.76 0.03
N SER A 192 -4.47 8.66 1.04
CA SER A 192 -5.60 9.40 1.48
C SER A 192 -6.05 10.43 0.43
N ALA A 193 -5.12 11.27 0.03
CA ALA A 193 -5.43 12.46 -0.77
C ALA A 193 -4.40 12.72 -1.86
N TYR A 194 -4.84 12.97 -3.08
CA TYR A 194 -3.90 13.16 -4.20
C TYR A 194 -3.32 14.57 -4.17
N GLY A 195 -2.31 14.83 -4.96
CA GLY A 195 -1.73 16.18 -4.99
C GLY A 195 -0.81 16.39 -3.80
N GLY A 196 -0.14 15.35 -3.41
CA GLY A 196 0.83 15.44 -2.36
C GLY A 196 0.29 15.30 -0.95
N GLY A 197 -0.97 15.02 -0.75
CA GLY A 197 -1.44 14.91 0.65
C GLY A 197 -2.21 16.12 1.04
N ALA A 198 -2.90 16.05 2.17
CA ALA A 198 -3.54 17.22 2.84
C ALA A 198 -2.73 17.66 4.07
N PRO A 199 -2.39 18.94 4.20
CA PRO A 199 -1.49 19.27 5.35
C PRO A 199 -2.16 19.25 6.76
N LEU A 200 -1.39 19.08 7.85
CA LEU A 200 -1.82 18.60 9.17
C LEU A 200 -2.93 17.57 9.17
N LEU A 201 -3.14 16.84 8.05
CA LEU A 201 -4.09 15.73 8.03
C LEU A 201 -3.50 14.42 7.56
N SER A 202 -2.91 14.44 6.38
CA SER A 202 -2.36 13.22 5.78
C SER A 202 -1.15 12.67 6.48
N ASP A 203 -0.54 13.50 7.31
CA ASP A 203 0.63 13.15 8.05
C ASP A 203 0.37 12.98 9.54
N THR A 204 -0.88 12.78 9.96
CA THR A 204 -1.21 12.71 11.38
C THR A 204 -1.83 11.41 11.75
N PHE A 205 -2.11 11.25 13.04
CA PHE A 205 -2.91 10.13 13.51
C PHE A 205 -4.22 9.96 12.78
N ALA A 206 -4.87 11.05 12.41
CA ALA A 206 -6.15 10.99 11.71
C ALA A 206 -6.08 10.27 10.36
N ALA A 207 -4.93 10.30 9.71
CA ALA A 207 -4.70 9.57 8.45
C ALA A 207 -4.83 8.05 8.59
N GLY A 208 -4.71 7.52 9.79
CA GLY A 208 -4.72 6.11 10.01
C GLY A 208 -6.06 5.42 9.82
N PHE A 209 -7.17 6.17 9.95
CA PHE A 209 -8.49 5.55 9.73
C PHE A 209 -8.59 5.14 8.27
N MET A 210 -8.25 6.03 7.34
CA MET A 210 -8.24 5.69 5.92
C MET A 210 -7.24 4.60 5.60
N TRP A 211 -6.04 4.69 6.15
CA TRP A 211 -5.05 3.67 5.81
C TRP A 211 -5.40 2.27 6.35
N LEU A 212 -5.76 2.14 7.64
CA LEU A 212 -6.11 0.82 8.15
C LEU A 212 -7.41 0.27 7.49
N ASP A 213 -8.38 1.14 7.26
CA ASP A 213 -9.62 0.70 6.61
C ASP A 213 -9.37 0.20 5.17
N LYS A 214 -8.49 0.90 4.45
CA LYS A 214 -8.16 0.50 3.09
C LYS A 214 -7.45 -0.87 3.09
N LEU A 215 -6.52 -1.09 4.03
CA LEU A 215 -5.86 -2.37 4.19
C LEU A 215 -6.84 -3.49 4.50
N GLY A 216 -7.76 -3.22 5.40
CA GLY A 216 -8.75 -4.22 5.78
C GLY A 216 -9.69 -4.57 4.63
N LEU A 217 -10.18 -3.55 3.93
CA LEU A 217 -11.09 -3.76 2.77
C LEU A 217 -10.37 -4.42 1.60
N SER A 218 -9.16 -3.97 1.35
CA SER A 218 -8.38 -4.56 0.26
C SER A 218 -8.17 -6.06 0.45
N ALA A 219 -7.77 -6.45 1.64
CA ALA A 219 -7.54 -7.85 1.97
C ALA A 219 -8.82 -8.65 1.90
N ARG A 220 -9.86 -8.06 2.47
CA ARG A 220 -11.20 -8.71 2.47
C ARG A 220 -11.75 -8.93 1.06
N MET A 221 -11.48 -8.01 0.15
CA MET A 221 -12.05 -8.01 -1.18
C MET A 221 -11.23 -8.71 -2.23
N GLY A 222 -10.02 -9.15 -1.91
CA GLY A 222 -9.23 -9.93 -2.88
C GLY A 222 -8.10 -9.18 -3.55
N ILE A 223 -7.78 -7.98 -3.08
CA ILE A 223 -6.59 -7.28 -3.55
C ILE A 223 -5.37 -7.91 -2.87
N GLU A 224 -4.34 -8.23 -3.65
CA GLU A 224 -3.20 -9.05 -3.17
C GLU A 224 -2.04 -8.26 -2.55
N VAL A 225 -1.82 -7.05 -3.08
CA VAL A 225 -0.75 -6.14 -2.73
C VAL A 225 -1.31 -4.72 -2.74
N VAL A 226 -0.96 -3.94 -1.71
CA VAL A 226 -1.32 -2.51 -1.62
C VAL A 226 -0.04 -1.68 -1.47
N MET A 227 0.20 -0.78 -2.41
CA MET A 227 1.40 0.09 -2.43
C MET A 227 1.14 1.50 -1.95
N ARG A 228 1.61 1.79 -0.73
CA ARG A 228 1.39 3.08 -0.11
C ARG A 228 2.22 4.20 -0.72
N GLN A 229 1.52 5.19 -1.25
CA GLN A 229 2.10 6.50 -1.63
C GLN A 229 2.16 7.37 -0.35
N VAL A 230 3.34 7.76 0.18
CA VAL A 230 4.71 7.36 -0.24
C VAL A 230 5.48 6.96 1.02
N PHE A 231 6.56 6.18 0.87
CA PHE A 231 7.40 5.85 2.03
C PHE A 231 8.05 7.15 2.59
N PHE A 232 8.60 7.92 1.67
CA PHE A 232 9.40 9.12 1.93
C PHE A 232 9.32 10.01 0.71
N GLY A 233 9.11 11.31 0.91
CA GLY A 233 8.94 12.23 -0.20
C GLY A 233 8.34 13.54 0.15
N ALA A 234 8.14 14.39 -0.85
CA ALA A 234 7.56 15.73 -0.65
C ALA A 234 6.14 15.73 -0.13
N GLY A 235 5.31 14.81 -0.57
CA GLY A 235 3.92 14.84 -0.17
C GLY A 235 3.69 14.53 1.32
N ASN A 236 2.69 15.18 1.93
CA ASN A 236 2.31 15.02 3.35
C ASN A 236 1.79 13.61 3.70
N TYR A 237 1.42 12.85 2.68
CA TYR A 237 1.07 11.44 2.86
C TYR A 237 2.27 10.49 3.02
N HIS A 238 3.46 11.03 3.13
CA HIS A 238 4.62 10.25 3.50
C HIS A 238 4.50 9.51 4.83
N LEU A 239 5.04 8.30 4.86
CA LEU A 239 5.19 7.53 6.13
C LEU A 239 6.30 8.08 7.06
N VAL A 240 7.29 8.70 6.43
CA VAL A 240 8.51 9.17 7.10
C VAL A 240 8.75 10.59 6.63
N ASP A 241 8.90 11.53 7.55
CA ASP A 241 8.92 12.90 7.13
C ASP A 241 10.33 13.38 6.70
N GLU A 242 10.40 14.65 6.31
CA GLU A 242 11.68 15.29 5.85
C GLU A 242 12.88 15.16 6.78
N ASN A 243 12.64 14.99 8.08
CA ASN A 243 13.71 14.82 9.04
C ASN A 243 14.01 13.38 9.32
N PHE A 244 13.51 12.48 8.48
CA PHE A 244 13.62 11.04 8.66
C PHE A 244 12.92 10.52 9.95
N ASP A 245 11.94 11.25 10.46
CA ASP A 245 11.18 10.80 11.64
C ASP A 245 9.91 10.00 11.14
N PRO A 246 9.62 8.86 11.77
CA PRO A 246 8.37 8.17 11.40
C PRO A 246 7.12 8.82 11.93
N LEU A 247 6.11 8.86 11.07
CA LEU A 247 4.80 9.44 11.38
C LEU A 247 3.85 8.34 11.85
N PRO A 248 2.65 8.70 12.37
CA PRO A 248 1.81 7.65 12.88
C PRO A 248 1.49 6.49 11.93
N ASP A 249 1.29 6.81 10.66
CA ASP A 249 1.01 5.74 9.68
C ASP A 249 2.19 4.76 9.53
N TYR A 250 3.45 5.24 9.74
CA TYR A 250 4.56 4.29 9.74
C TYR A 250 4.36 3.26 10.83
N TRP A 251 4.08 3.75 12.04
CA TRP A 251 3.96 2.85 13.21
C TRP A 251 2.77 1.89 13.04
N LEU A 252 1.68 2.45 12.50
CA LEU A 252 0.51 1.61 12.17
C LEU A 252 0.89 0.49 11.17
N SER A 253 1.63 0.87 10.16
CA SER A 253 2.09 -0.05 9.16
C SER A 253 3.01 -1.13 9.74
N LEU A 254 3.95 -0.73 10.64
CA LEU A 254 4.82 -1.68 11.26
C LEU A 254 4.04 -2.69 12.16
N LEU A 255 3.11 -2.18 12.97
CA LEU A 255 2.29 -3.06 13.79
C LEU A 255 1.45 -4.03 12.93
N PHE A 256 0.88 -3.53 11.84
CA PHE A 256 0.09 -4.37 10.94
C PHE A 256 0.96 -5.52 10.42
N LYS A 257 2.16 -5.20 9.97
CA LYS A 257 3.09 -6.26 9.53
C LYS A 257 3.44 -7.30 10.58
N LYS A 258 3.61 -6.87 11.81
CA LYS A 258 3.99 -7.78 12.88
C LYS A 258 2.87 -8.71 13.25
N LEU A 259 1.61 -8.26 13.15
CA LEU A 259 0.49 -9.01 13.71
C LEU A 259 -0.41 -9.72 12.70
N VAL A 260 -0.52 -9.17 11.49
CA VAL A 260 -1.56 -9.62 10.56
C VAL A 260 -0.98 -10.61 9.56
N GLY A 261 -1.60 -11.78 9.49
CA GLY A 261 -1.12 -12.83 8.60
C GLY A 261 -1.73 -12.77 7.19
N THR A 262 -1.32 -13.72 6.35
CA THR A 262 -1.69 -13.70 4.93
C THR A 262 -3.09 -14.29 4.68
N LYS A 263 -3.58 -15.12 5.58
CA LYS A 263 -4.91 -15.70 5.41
C LYS A 263 -5.97 -14.79 5.94
N VAL A 264 -6.86 -14.40 5.08
CA VAL A 264 -7.88 -13.43 5.36
C VAL A 264 -9.15 -14.16 5.75
N LEU A 265 -9.75 -13.72 6.87
CA LEU A 265 -11.00 -14.24 7.37
C LEU A 265 -12.03 -13.10 7.39
N MET A 266 -13.09 -13.18 8.19
CA MET A 266 -14.14 -12.14 8.21
C MET A 266 -14.67 -11.96 9.62
N ALA A 267 -14.89 -10.71 9.97
CA ALA A 267 -15.58 -10.33 11.20
C ALA A 267 -16.64 -9.35 10.80
N SER A 268 -17.73 -9.33 11.54
CA SER A 268 -18.80 -8.38 11.25
C SER A 268 -19.59 -8.05 12.49
N VAL A 269 -20.19 -6.87 12.50
CA VAL A 269 -20.95 -6.45 13.68
C VAL A 269 -22.37 -6.94 13.57
N GLN A 270 -22.91 -7.46 14.66
CA GLN A 270 -24.27 -8.00 14.63
C GLN A 270 -25.31 -6.95 14.41
N GLY A 271 -25.22 -5.82 15.11
CA GLY A 271 -26.23 -4.77 14.94
C GLY A 271 -26.44 -4.32 13.48
N SER A 272 -27.55 -3.61 13.27
CA SER A 272 -27.85 -3.03 11.94
C SER A 272 -26.87 -1.91 11.47
N LYS A 273 -26.24 -1.19 12.40
CA LYS A 273 -25.41 -0.04 12.02
C LYS A 273 -23.97 -0.57 11.99
N ARG A 274 -23.42 -0.60 10.80
CA ARG A 274 -22.12 -1.18 10.53
C ARG A 274 -21.22 -0.14 9.89
N ARG A 275 -21.51 1.15 10.08
CA ARG A 275 -20.78 2.18 9.39
C ARG A 275 -19.56 2.59 10.25
N LYS A 276 -19.76 2.82 11.55
N LYS A 276 -19.75 2.82 11.56
CA LYS A 276 -18.73 3.49 12.38
CA LYS A 276 -18.70 3.50 12.37
C LYS A 276 -17.80 2.57 13.15
C LYS A 276 -17.83 2.58 13.22
N LEU A 277 -18.21 1.33 13.38
CA LEU A 277 -17.37 0.35 13.99
C LEU A 277 -16.97 -0.62 12.87
N ARG A 278 -15.69 -0.58 12.47
CA ARG A 278 -15.22 -1.36 11.31
C ARG A 278 -14.29 -2.47 11.81
N VAL A 279 -14.52 -3.71 11.35
CA VAL A 279 -13.79 -4.85 11.87
C VAL A 279 -13.30 -5.82 10.79
N TYR A 280 -12.10 -6.36 11.05
CA TYR A 280 -11.38 -7.21 10.12
C TYR A 280 -10.71 -8.30 10.84
N LEU A 281 -10.55 -9.47 10.20
CA LEU A 281 -10.02 -10.66 10.90
C LEU A 281 -9.15 -11.46 9.95
N HIS A 282 -7.92 -11.75 10.34
CA HIS A 282 -6.98 -12.60 9.62
C HIS A 282 -6.42 -13.63 10.64
N CYS A 283 -5.78 -14.68 10.13
CA CYS A 283 -4.90 -15.46 10.93
C CYS A 283 -3.74 -14.54 11.39
N THR A 284 -3.25 -14.78 12.59
CA THR A 284 -2.06 -14.13 13.07
C THR A 284 -0.82 -14.49 12.25
N ASN A 285 0.00 -13.48 11.99
CA ASN A 285 1.24 -13.62 11.28
C ASN A 285 2.10 -14.80 11.89
N THR A 286 2.40 -15.81 11.08
CA THR A 286 3.13 -17.00 11.57
C THR A 286 4.63 -16.75 11.82
N ASP A 287 5.16 -15.59 11.42
CA ASP A 287 6.54 -15.21 11.69
C ASP A 287 6.71 -14.56 13.06
N ASN A 288 5.63 -14.29 13.77
CA ASN A 288 5.67 -13.64 15.06
C ASN A 288 5.93 -14.70 16.13
N PRO A 289 7.08 -14.58 16.83
CA PRO A 289 7.52 -15.59 17.79
C PRO A 289 6.67 -15.65 19.03
N ARG A 290 5.95 -14.58 19.38
CA ARG A 290 5.06 -14.64 20.51
C ARG A 290 3.81 -15.48 20.32
N TYR A 291 3.43 -15.78 19.08
CA TYR A 291 2.15 -16.45 18.85
C TYR A 291 2.33 -17.81 18.18
N LYS A 292 1.26 -18.55 18.06
CA LYS A 292 1.36 -19.92 17.58
C LYS A 292 0.30 -20.22 16.55
N GLU A 293 0.52 -21.31 15.83
CA GLU A 293 -0.37 -21.75 14.79
C GLU A 293 -1.80 -21.80 15.30
N GLY A 294 -2.72 -21.23 14.53
CA GLY A 294 -4.13 -21.18 14.94
C GLY A 294 -4.60 -19.90 15.62
N ASP A 295 -3.70 -19.02 15.98
CA ASP A 295 -4.12 -17.73 16.59
C ASP A 295 -4.72 -16.79 15.53
N LEU A 296 -5.63 -15.91 16.00
CA LEU A 296 -6.35 -14.93 15.15
C LEU A 296 -5.91 -13.50 15.43
N THR A 297 -5.82 -12.65 14.40
CA THR A 297 -5.63 -11.22 14.66
C THR A 297 -6.87 -10.48 14.19
N LEU A 298 -7.60 -9.89 15.14
CA LEU A 298 -8.68 -8.96 14.85
C LEU A 298 -8.13 -7.51 14.82
N TYR A 299 -8.60 -6.69 13.89
CA TYR A 299 -8.35 -5.26 14.00
C TYR A 299 -9.61 -4.50 13.81
N ALA A 300 -9.71 -3.34 14.49
CA ALA A 300 -10.97 -2.62 14.56
C ALA A 300 -10.73 -1.11 14.61
N ILE A 301 -11.64 -0.36 13.99
CA ILE A 301 -11.63 1.05 13.92
C ILE A 301 -12.92 1.54 14.59
N ASN A 302 -12.80 2.52 15.49
CA ASN A 302 -13.99 3.12 16.13
C ASN A 302 -14.13 4.52 15.73
N LEU A 303 -15.09 4.81 14.87
CA LEU A 303 -15.34 6.17 14.44
C LEU A 303 -16.53 6.79 15.22
N HIS A 304 -17.00 6.09 16.24
CA HIS A 304 -18.00 6.68 17.19
C HIS A 304 -17.29 7.64 18.10
N ASN A 305 -18.06 8.57 18.68
CA ASN A 305 -17.47 9.54 19.59
C ASN A 305 -17.53 9.08 21.05
N VAL A 306 -17.84 7.82 21.28
CA VAL A 306 -17.74 7.17 22.57
C VAL A 306 -17.03 5.85 22.45
N THR A 307 -16.57 5.34 23.59
CA THR A 307 -15.92 4.05 23.71
C THR A 307 -16.94 2.96 23.37
N LYS A 308 -16.51 1.98 22.57
CA LYS A 308 -17.29 0.73 22.33
C LYS A 308 -16.60 -0.47 22.89
N TYR A 309 -17.39 -1.46 23.27
CA TYR A 309 -16.94 -2.65 23.94
C TYR A 309 -17.33 -3.83 23.08
N LEU A 310 -16.32 -4.55 22.56
CA LEU A 310 -16.55 -5.66 21.61
C LEU A 310 -16.56 -6.99 22.32
N ARG A 311 -17.57 -7.82 22.04
CA ARG A 311 -17.63 -9.16 22.62
C ARG A 311 -17.37 -10.24 21.52
N LEU A 312 -16.39 -11.09 21.79
CA LEU A 312 -15.97 -12.14 20.86
C LEU A 312 -16.94 -13.30 20.91
N PRO A 313 -17.21 -13.94 19.76
CA PRO A 313 -18.17 -15.03 19.75
C PRO A 313 -17.59 -16.35 20.25
N TYR A 314 -18.46 -17.25 20.70
CA TYR A 314 -18.07 -18.66 20.97
C TYR A 314 -17.44 -19.21 19.66
N PRO A 315 -16.36 -19.99 19.69
CA PRO A 315 -15.63 -20.49 20.87
C PRO A 315 -14.43 -19.67 21.40
N PHE A 316 -14.40 -18.36 21.12
CA PHE A 316 -13.27 -17.49 21.49
C PHE A 316 -13.58 -16.53 22.68
N SER A 317 -14.73 -16.69 23.34
CA SER A 317 -15.17 -15.69 24.35
C SER A 317 -14.37 -15.70 25.64
N ASN A 318 -13.62 -16.76 25.93
CA ASN A 318 -12.77 -16.81 27.14
C ASN A 318 -11.29 -16.97 26.89
N LYS A 319 -10.86 -16.65 25.67
CA LYS A 319 -9.45 -16.76 25.33
C LYS A 319 -8.69 -15.58 25.90
N GLN A 320 -7.41 -15.81 26.12
CA GLN A 320 -6.46 -14.77 26.42
C GLN A 320 -6.29 -13.95 25.13
N VAL A 321 -6.46 -12.63 25.27
CA VAL A 321 -6.35 -11.65 24.18
C VAL A 321 -5.26 -10.62 24.49
N ASP A 322 -4.34 -10.37 23.55
CA ASP A 322 -3.40 -9.25 23.63
C ASP A 322 -3.91 -8.03 22.84
N LYS A 323 -4.04 -6.90 23.52
CA LYS A 323 -4.44 -5.63 22.93
C LYS A 323 -3.23 -4.86 22.44
N TYR A 324 -3.39 -4.26 21.27
CA TYR A 324 -2.44 -3.31 20.70
C TYR A 324 -3.17 -2.05 20.20
N LEU A 325 -3.40 -1.16 21.15
CA LEU A 325 -4.23 -0.01 20.94
C LEU A 325 -3.38 1.25 20.64
N LEU A 326 -3.67 1.90 19.53
CA LEU A 326 -2.98 3.11 19.09
C LEU A 326 -3.83 4.33 19.38
N ARG A 327 -3.23 5.33 20.05
CA ARG A 327 -3.88 6.62 20.33
C ARG A 327 -2.85 7.75 20.22
N PRO A 328 -3.29 8.94 19.88
CA PRO A 328 -2.30 10.01 19.66
C PRO A 328 -1.68 10.46 20.98
N LEU A 329 -0.43 10.87 20.91
CA LEU A 329 0.20 11.66 21.98
C LEU A 329 -0.28 13.13 21.88
N GLY A 330 -0.65 13.73 23.01
CA GLY A 330 -1.18 15.10 23.04
C GLY A 330 -0.08 16.11 22.80
N PRO A 331 -0.44 17.38 22.64
CA PRO A 331 -1.77 17.92 22.87
C PRO A 331 -2.70 17.98 21.68
N HIS A 332 -2.25 17.53 20.49
CA HIS A 332 -2.92 17.79 19.24
C HIS A 332 -3.91 16.68 18.79
N GLY A 333 -4.19 15.73 19.67
CA GLY A 333 -5.32 14.78 19.45
C GLY A 333 -5.13 14.09 18.10
N LEU A 334 -6.21 14.06 17.30
CA LEU A 334 -6.15 13.37 16.03
C LEU A 334 -5.18 14.04 15.05
N LEU A 335 -4.85 15.33 15.29
CA LEU A 335 -3.89 16.04 14.43
C LEU A 335 -2.46 15.89 14.92
N SER A 336 -2.23 14.97 15.85
CA SER A 336 -0.87 14.67 16.33
C SER A 336 -0.02 13.91 15.34
N LYS A 337 1.27 14.22 15.32
CA LYS A 337 2.25 13.44 14.56
C LYS A 337 2.97 12.39 15.40
N SER A 338 2.52 12.21 16.62
CA SER A 338 3.09 11.26 17.52
C SER A 338 1.96 10.35 18.00
N VAL A 339 2.30 9.11 18.23
CA VAL A 339 1.35 8.07 18.60
C VAL A 339 1.87 7.19 19.73
N GLN A 340 0.94 6.73 20.56
CA GLN A 340 1.20 5.83 21.67
C GLN A 340 0.61 4.45 21.45
N LEU A 341 1.36 3.39 21.80
CA LEU A 341 0.88 2.04 21.81
C LEU A 341 0.61 1.57 23.26
N ASN A 342 -0.65 1.34 23.60
CA ASN A 342 -1.06 0.98 24.95
C ASN A 342 -0.45 1.93 26.02
N GLY A 343 -0.52 3.22 25.71
CA GLY A 343 -0.02 4.28 26.58
C GLY A 343 1.47 4.63 26.52
N LEU A 344 2.26 3.99 25.68
CA LEU A 344 3.71 4.23 25.56
C LEU A 344 4.00 4.83 24.20
N THR A 345 4.54 6.05 24.18
CA THR A 345 4.92 6.75 22.92
C THR A 345 5.89 5.90 22.08
N LEU A 346 5.58 5.77 20.78
CA LEU A 346 6.46 5.03 19.87
C LEU A 346 7.54 5.91 19.27
N LYS A 347 8.80 5.50 19.46
CA LYS A 347 9.97 6.23 19.04
C LYS A 347 11.08 5.28 18.75
N MET A 348 11.93 5.63 17.79
N MET A 348 11.92 5.59 17.76
CA MET A 348 13.13 4.85 17.49
CA MET A 348 13.10 4.73 17.47
C MET A 348 13.97 4.80 18.79
C MET A 348 14.03 4.80 18.69
N VAL A 349 14.59 3.65 19.08
CA VAL A 349 15.57 3.55 20.19
C VAL A 349 16.82 4.38 19.80
N ASP A 350 17.30 4.19 18.57
CA ASP A 350 18.34 5.02 17.98
C ASP A 350 18.23 4.86 16.45
N ASP A 351 19.18 5.38 15.69
CA ASP A 351 19.07 5.34 14.21
C ASP A 351 19.13 3.96 13.55
N GLN A 352 19.55 2.95 14.30
CA GLN A 352 19.65 1.58 13.84
C GLN A 352 18.65 0.65 14.49
N THR A 353 17.82 1.16 15.41
CA THR A 353 17.05 0.25 16.30
C THR A 353 15.56 0.66 16.44
N LEU A 354 14.66 -0.17 15.94
CA LEU A 354 13.23 0.02 16.20
C LEU A 354 12.90 -0.46 17.61
N PRO A 355 11.88 0.13 18.25
CA PRO A 355 11.45 -0.35 19.55
C PRO A 355 10.68 -1.63 19.47
N PRO A 356 10.63 -2.39 20.58
CA PRO A 356 9.68 -3.48 20.65
C PRO A 356 8.27 -2.89 20.62
N LEU A 357 7.31 -3.70 20.19
CA LEU A 357 5.90 -3.28 20.16
C LEU A 357 5.16 -4.06 21.24
N MET A 358 4.89 -3.43 22.37
CA MET A 358 4.51 -4.20 23.55
C MET A 358 2.99 -4.31 23.68
N GLU A 359 2.55 -5.54 23.81
CA GLU A 359 1.13 -5.85 24.03
C GLU A 359 0.63 -5.45 25.39
N LYS A 360 -0.69 -5.35 25.56
CA LYS A 360 -1.34 -5.31 26.87
C LYS A 360 -2.25 -6.53 26.95
N PRO A 361 -1.86 -7.55 27.72
CA PRO A 361 -2.73 -8.72 27.88
C PRO A 361 -4.00 -8.33 28.58
N LEU A 362 -5.14 -8.83 28.13
CA LEU A 362 -6.40 -8.47 28.81
C LEU A 362 -6.83 -9.64 29.70
N ARG A 363 -7.77 -9.41 30.61
CA ARG A 363 -8.19 -10.52 31.44
C ARG A 363 -9.15 -11.39 30.62
N PRO A 364 -8.89 -12.71 30.57
CA PRO A 364 -9.73 -13.65 29.85
C PRO A 364 -11.19 -13.41 30.17
N GLY A 365 -12.04 -13.39 29.15
CA GLY A 365 -13.48 -13.16 29.33
C GLY A 365 -13.94 -11.72 29.34
N SER A 366 -13.02 -10.75 29.37
CA SER A 366 -13.41 -9.34 29.27
C SER A 366 -13.70 -8.95 27.81
N SER A 367 -14.62 -8.01 27.67
CA SER A 367 -14.93 -7.40 26.42
C SER A 367 -13.77 -6.49 25.99
N LEU A 368 -13.72 -6.18 24.70
CA LEU A 368 -12.57 -5.50 24.12
C LEU A 368 -12.91 -4.01 24.04
N GLY A 369 -12.32 -3.19 24.91
CA GLY A 369 -12.60 -1.71 24.89
C GLY A 369 -11.88 -1.01 23.73
N LEU A 370 -12.62 -0.21 22.97
CA LEU A 370 -12.05 0.57 21.87
C LEU A 370 -12.49 1.99 22.05
N PRO A 371 -11.56 2.87 22.47
CA PRO A 371 -12.02 4.27 22.70
C PRO A 371 -12.52 4.98 21.48
N ALA A 372 -13.25 6.06 21.71
CA ALA A 372 -13.62 6.95 20.62
C ALA A 372 -12.47 7.28 19.69
N PHE A 373 -12.76 7.35 18.39
CA PHE A 373 -11.77 7.79 17.39
C PHE A 373 -10.40 7.12 17.62
N SER A 374 -10.39 5.82 17.56
CA SER A 374 -9.16 5.04 17.80
C SER A 374 -9.16 3.79 16.90
N TYR A 375 -8.05 3.10 16.86
CA TYR A 375 -7.95 1.79 16.19
C TYR A 375 -7.02 0.91 16.97
N SER A 376 -7.28 -0.39 16.91
CA SER A 376 -6.55 -1.38 17.71
C SER A 376 -6.47 -2.71 17.03
N PHE A 377 -5.39 -3.45 17.32
CA PHE A 377 -5.31 -4.85 16.96
C PHE A 377 -5.55 -5.65 18.23
N PHE A 378 -6.10 -6.83 18.06
CA PHE A 378 -6.27 -7.78 19.15
C PHE A 378 -5.89 -9.19 18.70
N VAL A 379 -4.89 -9.78 19.34
CA VAL A 379 -4.49 -11.16 19.09
C VAL A 379 -5.22 -12.12 20.08
N ILE A 380 -5.96 -13.04 19.50
CA ILE A 380 -6.68 -14.07 20.24
C ILE A 380 -5.77 -15.31 20.35
N ARG A 381 -5.19 -15.50 21.53
CA ARG A 381 -4.20 -16.57 21.76
C ARG A 381 -4.86 -17.89 22.03
N ASN A 382 -4.24 -18.96 21.57
CA ASN A 382 -4.81 -20.31 21.66
C ASN A 382 -6.17 -20.38 21.01
N ALA A 383 -6.36 -19.66 19.89
CA ALA A 383 -7.64 -19.70 19.15
C ALA A 383 -7.80 -21.07 18.50
N LYS A 384 -6.70 -21.74 18.19
CA LYS A 384 -6.73 -23.10 17.60
C LYS A 384 -7.67 -23.20 16.38
N VAL A 385 -7.62 -22.16 15.52
CA VAL A 385 -8.42 -22.15 14.28
C VAL A 385 -7.71 -23.02 13.23
N ALA A 386 -8.38 -24.07 12.77
CA ALA A 386 -7.75 -25.02 11.81
C ALA A 386 -7.36 -24.38 10.48
N ALA A 387 -8.19 -23.48 9.97
CA ALA A 387 -7.88 -22.74 8.73
C ALA A 387 -6.55 -21.98 8.78
N CYS A 388 -6.07 -21.63 9.97
CA CYS A 388 -4.85 -20.91 10.13
C CYS A 388 -3.61 -21.81 10.20
N ILE A 389 -3.79 -23.13 10.32
CA ILE A 389 -2.66 -24.02 10.58
C ILE A 389 -2.24 -24.58 9.24
N GLN B 4 -26.50 2.02 25.10
CA GLN B 4 -25.72 0.74 25.00
C GLN B 4 -24.52 0.81 24.02
N ASP B 5 -23.38 0.42 24.56
CA ASP B 5 -22.14 0.58 23.84
C ASP B 5 -21.42 -0.73 23.70
N VAL B 6 -22.16 -1.84 23.84
CA VAL B 6 -21.61 -3.18 23.68
C VAL B 6 -22.05 -3.70 22.30
N VAL B 7 -21.08 -4.28 21.58
CA VAL B 7 -21.26 -4.68 20.19
C VAL B 7 -20.78 -6.12 20.11
N ASP B 8 -21.64 -7.00 19.62
CA ASP B 8 -21.31 -8.40 19.48
C ASP B 8 -20.78 -8.61 18.03
N LEU B 9 -19.73 -9.39 17.93
CA LEU B 9 -19.15 -9.72 16.63
C LEU B 9 -19.53 -11.15 16.23
N ASP B 10 -19.68 -11.34 14.92
CA ASP B 10 -19.77 -12.66 14.24
C ASP B 10 -18.44 -12.88 13.47
N PHE B 11 -17.88 -14.08 13.55
CA PHE B 11 -16.60 -14.41 12.84
C PHE B 11 -16.88 -15.56 11.87
N PHE B 12 -16.20 -15.54 10.73
CA PHE B 12 -16.16 -16.69 9.83
C PHE B 12 -14.73 -17.16 9.89
N THR B 13 -14.49 -18.39 10.32
CA THR B 13 -13.16 -18.96 10.49
C THR B 13 -12.99 -20.33 9.84
N GLN B 14 -13.94 -20.75 9.01
CA GLN B 14 -13.91 -22.11 8.40
C GLN B 14 -12.80 -22.34 7.47
N GLU B 15 -12.44 -21.32 6.68
CA GLU B 15 -11.35 -21.44 5.69
C GLU B 15 -10.91 -20.04 5.33
N PRO B 16 -9.69 -19.90 4.82
CA PRO B 16 -9.29 -18.60 4.31
C PRO B 16 -10.19 -18.15 3.15
N LEU B 17 -10.63 -16.89 3.17
CA LEU B 17 -11.43 -16.29 2.11
C LEU B 17 -10.55 -15.75 0.97
N HIS B 18 -9.38 -15.27 1.31
CA HIS B 18 -8.34 -14.88 0.39
C HIS B 18 -7.01 -15.09 1.04
N LEU B 19 -5.99 -15.05 0.20
CA LEU B 19 -4.59 -15.12 0.63
C LEU B 19 -3.88 -13.91 0.07
N VAL B 20 -3.38 -13.04 0.95
CA VAL B 20 -2.65 -11.88 0.49
C VAL B 20 -1.15 -12.24 0.41
N SER B 21 -0.41 -11.47 -0.34
CA SER B 21 1.04 -11.66 -0.43
C SER B 21 1.66 -11.37 0.94
N PRO B 22 2.80 -12.02 1.24
CA PRO B 22 3.53 -11.59 2.41
C PRO B 22 3.94 -10.12 2.34
N SER B 23 4.09 -9.59 1.12
CA SER B 23 4.34 -8.16 0.88
C SER B 23 3.05 -7.35 0.64
N PHE B 24 1.94 -7.83 1.21
CA PHE B 24 0.65 -7.13 1.06
C PHE B 24 0.77 -5.63 1.34
N LEU B 25 1.42 -5.25 2.47
CA LEU B 25 1.65 -3.83 2.75
C LEU B 25 2.99 -3.43 2.14
N SER B 26 2.94 -2.79 0.98
CA SER B 26 4.08 -2.30 0.23
C SER B 26 4.09 -0.77 0.18
N VAL B 27 5.14 -0.19 -0.40
CA VAL B 27 5.31 1.26 -0.40
C VAL B 27 5.85 1.77 -1.76
N THR B 28 5.75 3.04 -1.98
CA THR B 28 6.32 3.67 -3.13
C THR B 28 7.37 4.74 -2.79
N ILE B 29 8.16 5.07 -3.79
CA ILE B 29 8.94 6.33 -3.80
C ILE B 29 8.47 7.01 -5.10
N ASP B 30 8.08 8.27 -5.01
CA ASP B 30 7.63 8.97 -6.18
C ASP B 30 8.83 9.18 -7.12
N ALA B 31 8.65 8.91 -8.41
CA ALA B 31 9.66 9.11 -9.41
C ALA B 31 10.25 10.54 -9.37
N ASN B 32 9.44 11.51 -8.95
CA ASN B 32 9.93 12.88 -8.86
C ASN B 32 11.06 13.10 -7.89
N LEU B 33 11.20 12.23 -6.90
CA LEU B 33 12.28 12.33 -5.92
C LEU B 33 13.65 12.22 -6.59
N ALA B 34 13.71 11.49 -7.70
CA ALA B 34 14.96 11.40 -8.50
C ALA B 34 15.42 12.74 -9.10
N THR B 35 14.56 13.76 -9.18
CA THR B 35 14.96 15.12 -9.61
C THR B 35 15.52 16.00 -8.48
N ASP B 36 15.46 15.51 -7.25
CA ASP B 36 16.03 16.21 -6.15
C ASP B 36 17.55 16.05 -6.26
N PRO B 37 18.32 17.18 -6.21
CA PRO B 37 19.81 17.09 -6.19
C PRO B 37 20.36 16.32 -5.01
N ARG B 38 19.57 16.15 -3.94
CA ARG B 38 20.02 15.40 -2.76
C ARG B 38 19.55 13.93 -2.74
N PHE B 39 19.10 13.41 -3.88
CA PHE B 39 18.60 12.04 -3.97
C PHE B 39 19.57 11.06 -3.31
N LEU B 40 20.86 11.18 -3.63
CA LEU B 40 21.87 10.30 -3.08
C LEU B 40 22.00 10.39 -1.54
N ILE B 41 22.04 11.59 -1.02
CA ILE B 41 22.11 11.81 0.42
C ILE B 41 20.89 11.18 1.14
N LEU B 42 19.72 11.40 0.56
CA LEU B 42 18.42 11.01 1.19
C LEU B 42 18.30 9.51 1.30
N LEU B 43 18.44 8.79 0.20
CA LEU B 43 18.34 7.34 0.19
C LEU B 43 19.58 6.60 0.75
N GLY B 44 20.68 7.33 0.93
CA GLY B 44 21.80 6.77 1.67
C GLY B 44 21.64 6.82 3.18
N SER B 45 20.63 7.53 3.69
CA SER B 45 20.43 7.73 5.13
C SER B 45 20.34 6.39 5.84
N PRO B 46 21.26 6.09 6.77
CA PRO B 46 21.09 4.88 7.56
C PRO B 46 19.77 4.82 8.41
N LYS B 47 19.31 5.95 8.93
CA LYS B 47 18.08 6.03 9.70
C LYS B 47 16.89 5.61 8.78
N LEU B 48 16.85 6.18 7.58
CA LEU B 48 15.79 5.86 6.60
C LEU B 48 15.85 4.38 6.22
N ARG B 49 17.05 3.79 6.09
CA ARG B 49 17.12 2.35 5.75
C ARG B 49 16.69 1.46 6.88
N THR B 50 16.91 1.90 8.12
CA THR B 50 16.42 1.15 9.27
C THR B 50 14.87 1.08 9.26
N LEU B 51 14.28 2.22 8.99
CA LEU B 51 12.82 2.31 8.93
C LEU B 51 12.33 1.46 7.76
N ALA B 52 12.99 1.57 6.63
CA ALA B 52 12.60 0.74 5.45
C ALA B 52 12.68 -0.74 5.71
N ARG B 53 13.78 -1.18 6.34
CA ARG B 53 13.94 -2.59 6.70
C ARG B 53 12.83 -3.09 7.59
N GLY B 54 12.30 -2.21 8.47
CA GLY B 54 11.17 -2.57 9.34
C GLY B 54 9.93 -3.04 8.57
N LEU B 55 9.81 -2.61 7.31
CA LEU B 55 8.63 -2.99 6.48
C LEU B 55 8.88 -4.16 5.54
N SER B 56 10.11 -4.70 5.51
CA SER B 56 10.39 -5.89 4.72
C SER B 56 9.64 -7.10 5.31
N PRO B 57 9.14 -8.03 4.51
CA PRO B 57 9.17 -8.00 3.03
C PRO B 57 8.11 -7.02 2.41
N ALA B 58 8.50 -6.34 1.36
CA ALA B 58 7.62 -5.39 0.67
C ALA B 58 8.20 -5.07 -0.67
N TYR B 59 7.30 -4.77 -1.62
CA TYR B 59 7.69 -4.06 -2.83
C TYR B 59 7.96 -2.57 -2.56
N LEU B 60 8.90 -2.03 -3.33
CA LEU B 60 9.18 -0.61 -3.40
C LEU B 60 8.94 -0.24 -4.85
N ARG B 61 7.85 0.48 -5.11
CA ARG B 61 7.51 0.90 -6.46
C ARG B 61 8.04 2.33 -6.68
N PHE B 62 8.91 2.48 -7.67
CA PHE B 62 9.45 3.75 -8.11
C PHE B 62 8.69 4.23 -9.31
N GLY B 63 7.82 5.24 -9.10
CA GLY B 63 6.81 5.58 -10.10
C GLY B 63 6.05 6.79 -9.70
N GLY B 64 5.25 7.32 -10.62
CA GLY B 64 4.39 8.49 -10.32
C GLY B 64 4.26 9.26 -11.61
N THR B 65 3.68 10.46 -11.55
CA THR B 65 3.52 11.27 -12.77
C THR B 65 4.82 11.44 -13.54
N LYS B 66 5.91 11.69 -12.82
CA LYS B 66 7.21 11.88 -13.44
C LYS B 66 7.75 10.65 -14.21
N THR B 67 7.20 9.46 -13.97
CA THR B 67 7.60 8.25 -14.73
C THR B 67 7.66 8.47 -16.25
N ASP B 68 6.70 9.25 -16.73
CA ASP B 68 6.54 9.45 -18.16
C ASP B 68 7.22 10.71 -18.68
N PHE B 69 8.09 11.30 -17.85
CA PHE B 69 8.92 12.46 -18.18
C PHE B 69 10.36 12.23 -17.68
N LEU B 70 10.74 10.97 -17.53
CA LEU B 70 12.10 10.60 -17.15
C LEU B 70 12.75 9.87 -18.29
N ILE B 71 13.96 10.32 -18.67
CA ILE B 71 14.77 9.67 -19.72
C ILE B 71 16.14 9.26 -19.13
N PHE B 72 16.51 8.02 -19.38
CA PHE B 72 17.76 7.45 -18.89
C PHE B 72 18.86 7.99 -19.81
N ASP B 73 19.93 8.47 -19.22
CA ASP B 73 21.10 8.97 -19.97
C ASP B 73 22.34 8.31 -19.41
N PRO B 74 22.87 7.29 -20.11
CA PRO B 74 24.06 6.59 -19.62
C PRO B 74 25.37 7.42 -19.60
N LYS B 75 25.37 8.62 -20.16
CA LYS B 75 26.55 9.52 -20.13
C LYS B 75 26.53 10.51 -18.97
N LYS B 76 25.36 10.73 -18.37
CA LYS B 76 25.23 11.68 -17.28
C LYS B 76 26.02 11.24 -16.05
N GLU B 77 26.54 12.19 -15.28
CA GLU B 77 27.33 11.84 -14.07
C GLU B 77 26.51 12.04 -12.80
#